data_9LNQ
#
_entry.id   9LNQ
#
_cell.length_a   48.860
_cell.length_b   65.339
_cell.length_c   98.979
_cell.angle_alpha   90.000
_cell.angle_beta   90.000
_cell.angle_gamma   90.000
#
_symmetry.space_group_name_H-M   'P 21 21 21'
#
loop_
_entity.id
_entity.type
_entity.pdbx_description
1 polymer "DNA (5'-D(*TP*GP*TP*(KBC)P*AP*TP*CP*TP*T)-3')"
2 polymer "DNA (5'-D(*AP*AP*AP*GP*AP*TP*AP*AP*CP*A)-3')"
3 polymer 'Uracil-DNA glycosylase'
4 non-polymer 'SODIUM ION'
5 water water
#
loop_
_entity_poly.entity_id
_entity_poly.type
_entity_poly.pdbx_seq_one_letter_code
_entity_poly.pdbx_strand_id
1 'polydeoxyribonucleotide' (DT)(DG)(DT)(KBC)(DA)(DT)(DC)(DT)(DT) A
2 'polydeoxyribonucleotide' (DA)(DA)(DA)(DG)(DA)(DT)(DA)(DA)(DC)(DA) B
3 'polypeptide(L)'
;SHMFGESWKKHLSGEFGKPYFIKLMGFVAEERKHYTVYPPPHQVFTWTQMCDIKDVKVVILGQDPYHGPNQAHGLCFSVQ
RPVPPPPSLENIYKELSTDIEDFVHPGHGDLSGWAKQGVLLLNAVLTVRAHQANSHKERGWEQFTDAVVSWLNQNSNGLV
FLLWGSYAQKKGSAIDRKRHHVLQTAHPSPLSVYRGFFGCRHFSKTNELLQKSGKKPIDWKEA
;
E
#
# COMPACT_ATOMS: atom_id res chain seq x y z
N SER C 1 3.32 5.32 -22.33
CA SER C 1 3.25 6.26 -21.22
C SER C 1 4.08 5.94 -19.96
N HIS C 2 4.62 4.72 -19.83
CA HIS C 2 5.55 4.38 -18.73
C HIS C 2 4.92 4.67 -17.36
N MET C 3 3.71 4.16 -17.16
CA MET C 3 3.03 4.29 -15.87
C MET C 3 3.09 3.01 -15.04
N PHE C 4 3.15 1.84 -15.71
CA PHE C 4 3.35 0.52 -15.09
C PHE C 4 4.81 0.11 -15.19
N GLY C 5 5.43 -0.15 -14.05
CA GLY C 5 6.74 -0.77 -14.05
C GLY C 5 6.80 -2.03 -14.90
N GLU C 6 7.92 -2.22 -15.60
CA GLU C 6 8.02 -3.30 -16.57
C GLU C 6 7.80 -4.67 -15.94
N SER C 7 8.43 -4.93 -14.78
CA SER C 7 8.36 -6.27 -14.23
C SER C 7 6.95 -6.57 -13.72
N TRP C 8 6.22 -5.54 -13.28
CA TRP C 8 4.84 -5.69 -12.87
C TRP C 8 3.93 -5.90 -14.07
N LYS C 9 4.13 -5.11 -15.12
CA LYS C 9 3.36 -5.29 -16.33
C LYS C 9 3.52 -6.70 -16.86
N LYS C 10 4.73 -7.26 -16.77
CA LYS C 10 4.98 -8.58 -17.32
C LYS C 10 4.09 -9.63 -16.69
N HIS C 11 3.88 -9.55 -15.38
CA HIS C 11 3.15 -10.58 -14.65
C HIS C 11 1.70 -10.25 -14.40
N LEU C 12 1.26 -9.00 -14.60
CA LEU C 12 -0.10 -8.59 -14.30
C LEU C 12 -0.88 -8.13 -15.51
N SER C 13 -0.28 -8.08 -16.69
CA SER C 13 -0.97 -7.49 -17.85
C SER C 13 -2.13 -8.37 -18.30
N GLY C 14 -2.14 -9.64 -17.91
CA GLY C 14 -3.29 -10.48 -18.21
C GLY C 14 -4.58 -9.89 -17.69
N GLU C 15 -4.52 -9.12 -16.61
CA GLU C 15 -5.74 -8.52 -16.07
C GLU C 15 -6.31 -7.47 -16.99
N PHE C 16 -5.47 -6.88 -17.84
CA PHE C 16 -5.94 -5.75 -18.64
C PHE C 16 -6.98 -6.15 -19.67
N GLY C 17 -6.97 -7.40 -20.11
CA GLY C 17 -7.91 -7.87 -21.10
C GLY C 17 -9.16 -8.48 -20.50
N LYS C 18 -9.31 -8.43 -19.18
CA LYS C 18 -10.50 -9.03 -18.55
C LYS C 18 -11.61 -8.02 -18.42
N PRO C 19 -12.87 -8.43 -18.65
CA PRO C 19 -13.98 -7.48 -18.57
C PRO C 19 -14.02 -6.66 -17.30
N TYR C 20 -13.79 -7.25 -16.11
CA TYR C 20 -13.93 -6.47 -14.89
C TYR C 20 -12.99 -5.28 -14.92
N PHE C 21 -11.78 -5.47 -15.44
CA PHE C 21 -10.77 -4.41 -15.44
C PHE C 21 -11.09 -3.37 -16.50
N ILE C 22 -11.48 -3.82 -17.68
CA ILE C 22 -11.94 -2.89 -18.70
C ILE C 22 -13.06 -2.02 -18.15
N LYS C 23 -14.05 -2.64 -17.51
CA LYS C 23 -15.17 -1.86 -17.02
C LYS C 23 -14.79 -0.97 -15.86
N LEU C 24 -13.85 -1.43 -15.03
CA LEU C 24 -13.35 -0.62 -13.93
C LEU C 24 -12.69 0.65 -14.44
N MET C 25 -11.81 0.52 -15.42
CA MET C 25 -11.13 1.72 -15.91
C MET C 25 -12.10 2.64 -16.64
N GLY C 26 -13.14 2.09 -17.27
CA GLY C 26 -14.18 2.94 -17.81
C GLY C 26 -14.93 3.72 -16.74
N PHE C 27 -15.20 3.06 -15.60
CA PHE C 27 -15.85 3.75 -14.47
C PHE C 27 -14.99 4.91 -13.98
N VAL C 28 -13.70 4.66 -13.77
CA VAL C 28 -12.83 5.71 -13.26
C VAL C 28 -12.80 6.87 -14.23
N ALA C 29 -12.73 6.58 -15.53
CA ALA C 29 -12.70 7.65 -16.52
C ALA C 29 -13.98 8.46 -16.49
N GLU C 30 -15.12 7.80 -16.29
CA GLU C 30 -16.37 8.55 -16.23
C GLU C 30 -16.44 9.38 -14.94
N GLU C 31 -15.90 8.86 -13.84
CA GLU C 31 -15.80 9.67 -12.62
C GLU C 31 -14.94 10.91 -12.85
N ARG C 32 -13.79 10.74 -13.51
CA ARG C 32 -12.90 11.88 -13.72
C ARG C 32 -13.55 12.95 -14.58
N LYS C 33 -14.48 12.56 -15.41
CA LYS C 33 -15.04 13.52 -16.33
C LYS C 33 -16.13 14.37 -15.68
N HIS C 34 -16.58 13.99 -14.49
CA HIS C 34 -17.60 14.74 -13.78
C HIS C 34 -17.22 15.14 -12.37
N TYR C 35 -16.19 14.53 -11.78
CA TYR C 35 -15.77 14.79 -10.42
C TYR C 35 -14.25 14.79 -10.40
N THR C 36 -13.68 15.18 -9.25
CA THR C 36 -12.24 15.06 -9.04
C THR C 36 -11.95 13.70 -8.40
N VAL C 37 -11.00 12.97 -9.00
CA VAL C 37 -10.63 11.63 -8.55
C VAL C 37 -9.15 11.65 -8.20
N TYR C 38 -8.80 10.98 -7.11
CA TYR C 38 -7.41 10.92 -6.67
C TYR C 38 -6.97 9.47 -6.61
N PRO C 39 -5.71 9.20 -6.86
CA PRO C 39 -4.65 10.15 -7.31
C PRO C 39 -4.87 10.52 -8.77
N PRO C 40 -4.05 11.43 -9.29
CA PRO C 40 -4.08 11.76 -10.73
C PRO C 40 -3.79 10.54 -11.57
N PRO C 41 -4.14 10.56 -12.86
CA PRO C 41 -4.09 9.31 -13.65
C PRO C 41 -2.72 8.71 -13.75
N HIS C 42 -1.68 9.52 -13.77
CA HIS C 42 -0.35 8.98 -13.96
C HIS C 42 0.26 8.44 -12.68
N GLN C 43 -0.49 8.50 -11.56
CA GLN C 43 0.02 8.08 -10.26
C GLN C 43 -0.81 6.96 -9.64
N VAL C 44 -1.72 6.36 -10.40
CA VAL C 44 -2.54 5.29 -9.83
C VAL C 44 -1.67 4.09 -9.54
N PHE C 45 -0.62 3.89 -10.36
CA PHE C 45 0.23 2.72 -10.30
C PHE C 45 1.68 3.06 -9.92
N THR C 46 1.89 4.12 -9.14
CA THR C 46 3.24 4.45 -8.69
C THR C 46 3.88 3.29 -7.94
N TRP C 47 3.07 2.55 -7.21
CA TRP C 47 3.56 1.42 -6.44
C TRP C 47 4.22 0.37 -7.31
N THR C 48 4.11 0.46 -8.65
CA THR C 48 4.79 -0.48 -9.54
C THR C 48 6.14 0.05 -10.01
N GLN C 49 6.46 1.29 -9.64
CA GLN C 49 7.57 2.01 -10.26
C GLN C 49 8.78 2.13 -9.36
N MET C 50 8.74 1.54 -8.17
CA MET C 50 9.75 1.78 -7.14
C MET C 50 10.77 0.66 -7.00
N CYS C 51 10.42 -0.57 -7.36
CA CYS C 51 11.32 -1.72 -7.28
C CYS C 51 10.78 -2.80 -8.21
N ASP C 52 11.64 -3.75 -8.53
CA ASP C 52 11.23 -4.93 -9.28
C ASP C 52 10.28 -5.80 -8.46
N ILE C 53 9.32 -6.42 -9.13
CA ILE C 53 8.32 -7.21 -8.41
C ILE C 53 8.97 -8.38 -7.69
N LYS C 54 10.02 -8.94 -8.25
CA LYS C 54 10.74 -10.04 -7.59
C LYS C 54 11.53 -9.59 -6.37
N ASP C 55 11.69 -8.29 -6.16
CA ASP C 55 12.45 -7.76 -5.02
C ASP C 55 11.55 -7.32 -3.89
N VAL C 56 10.23 -7.52 -3.99
CA VAL C 56 9.34 -7.17 -2.89
C VAL C 56 9.58 -8.12 -1.73
N LYS C 57 9.72 -7.55 -0.54
CA LYS C 57 9.91 -8.29 0.70
C LYS C 57 8.80 -8.07 1.71
N VAL C 58 8.12 -6.94 1.66
CA VAL C 58 7.12 -6.54 2.65
C VAL C 58 5.99 -5.90 1.86
N VAL C 59 4.75 -6.18 2.25
CA VAL C 59 3.59 -5.56 1.62
C VAL C 59 2.80 -4.88 2.72
N ILE C 60 2.64 -3.56 2.60
CA ILE C 60 1.76 -2.82 3.49
C ILE C 60 0.49 -2.58 2.72
N LEU C 61 -0.63 -3.04 3.24
CA LEU C 61 -1.91 -2.90 2.55
C LEU C 61 -2.82 -2.00 3.37
N GLY C 62 -3.26 -0.90 2.76
CA GLY C 62 -4.26 -0.05 3.34
C GLY C 62 -5.56 -0.14 2.61
N GLN C 63 -6.41 0.85 2.83
CA GLN C 63 -7.80 0.78 2.39
C GLN C 63 -8.02 1.42 1.02
N ASP C 64 -7.80 2.72 0.93
CA ASP C 64 -7.93 3.43 -0.33
C ASP C 64 -7.13 4.72 -0.20
N PRO C 65 -6.99 5.49 -1.30
CA PRO C 65 -6.07 6.62 -1.26
C PRO C 65 -6.61 7.78 -0.46
N TYR C 66 -5.68 8.65 -0.05
CA TYR C 66 -6.09 9.93 0.53
C TYR C 66 -7.04 10.61 -0.41
N HIS C 67 -8.02 11.34 0.15
CA HIS C 67 -9.09 11.91 -0.66
C HIS C 67 -9.06 13.43 -0.65
N GLY C 68 -7.92 14.03 -0.30
CA GLY C 68 -7.77 15.47 -0.30
C GLY C 68 -6.77 15.93 -1.36
N PRO C 69 -6.85 17.20 -1.72
CA PRO C 69 -6.03 17.68 -2.84
C PRO C 69 -4.53 17.53 -2.56
N ASN C 70 -3.81 17.04 -3.58
CA ASN C 70 -2.34 16.95 -3.59
C ASN C 70 -1.78 15.98 -2.56
N GLN C 71 -2.60 15.07 -2.00
CA GLN C 71 -2.10 14.08 -1.05
C GLN C 71 -1.72 12.75 -1.69
N ALA C 72 -2.72 11.99 -2.18
CA ALA C 72 -2.43 10.68 -2.76
C ALA C 72 -1.52 10.80 -3.97
N HIS C 73 -0.51 9.91 -4.05
CA HIS C 73 0.28 9.80 -5.27
C HIS C 73 0.63 8.36 -5.61
N GLY C 74 -0.14 7.40 -5.12
CA GLY C 74 -0.04 6.03 -5.59
C GLY C 74 0.78 5.11 -4.72
N LEU C 75 1.30 5.61 -3.61
CA LEU C 75 1.99 4.83 -2.57
C LEU C 75 1.19 5.01 -1.31
N CYS C 76 0.72 3.91 -0.72
CA CYS C 76 -0.23 4.04 0.35
C CYS C 76 0.41 4.82 1.48
N PHE C 77 -0.35 5.79 2.00
CA PHE C 77 -0.08 6.62 3.16
C PHE C 77 0.96 7.69 2.90
N SER C 78 1.54 7.75 1.72
CA SER C 78 2.60 8.69 1.38
C SER C 78 2.05 10.00 0.80
N VAL C 79 2.79 11.11 1.01
CA VAL C 79 2.50 12.37 0.34
C VAL C 79 3.81 12.99 -0.14
N GLN C 80 3.76 13.60 -1.31
CA GLN C 80 4.94 14.21 -1.90
C GLN C 80 5.16 15.60 -1.31
N ARG C 81 6.43 15.93 -1.08
CA ARG C 81 6.77 17.27 -0.63
C ARG C 81 6.15 18.29 -1.58
N PRO C 82 5.67 19.44 -1.08
CA PRO C 82 5.78 19.94 0.30
C PRO C 82 4.55 19.66 1.15
N VAL C 83 3.74 18.69 0.76
CA VAL C 83 2.48 18.48 1.50
C VAL C 83 2.80 17.86 2.86
N PRO C 84 2.18 18.34 3.95
CA PRO C 84 2.50 17.76 5.25
C PRO C 84 1.91 16.39 5.41
N PRO C 85 2.56 15.53 6.21
CA PRO C 85 1.95 14.22 6.54
C PRO C 85 0.53 14.36 7.03
N PRO C 86 -0.42 13.66 6.41
CA PRO C 86 -1.80 13.61 6.96
C PRO C 86 -1.84 12.92 8.31
N PRO C 87 -2.95 13.03 9.03
CA PRO C 87 -3.03 12.40 10.36
C PRO C 87 -2.67 10.92 10.38
N SER C 88 -3.08 10.16 9.37
CA SER C 88 -2.76 8.72 9.37
C SER C 88 -1.26 8.50 9.40
N LEU C 89 -0.54 9.30 8.62
CA LEU C 89 0.90 9.12 8.52
C LEU C 89 1.59 9.61 9.78
N GLU C 90 1.10 10.69 10.38
CA GLU C 90 1.61 11.12 11.68
C GLU C 90 1.46 10.01 12.71
N ASN C 91 0.37 9.25 12.64
CA ASN C 91 0.20 8.13 13.57
C ASN C 91 1.19 7.00 13.26
N ILE C 92 1.40 6.70 11.97
CA ILE C 92 2.44 5.75 11.59
C ILE C 92 3.81 6.18 12.16
N TYR C 93 4.18 7.43 11.96
CA TYR C 93 5.47 7.92 12.46
C TYR C 93 5.53 7.80 13.97
N LYS C 94 4.41 8.05 14.61
CA LYS C 94 4.35 8.01 16.07
C LYS C 94 4.54 6.59 16.58
N GLU C 95 3.94 5.60 15.90
CA GLU C 95 4.22 4.20 16.25
C GLU C 95 5.67 3.84 15.92
N LEU C 96 6.21 4.41 14.83
CA LEU C 96 7.59 4.08 14.48
C LEU C 96 8.57 4.55 15.56
N SER C 97 8.29 5.70 16.17
CA SER C 97 9.28 6.20 17.12
C SER C 97 9.23 5.48 18.46
N THR C 98 8.10 4.86 18.83
CA THR C 98 8.12 3.99 20.00
C THR C 98 8.65 2.61 19.66
N ASP C 99 8.39 2.13 18.44
CA ASP C 99 8.74 0.77 18.05
C ASP C 99 10.22 0.64 17.68
N ILE C 100 10.77 1.62 16.98
CA ILE C 100 12.13 1.58 16.45
C ILE C 100 12.90 2.72 17.12
N GLU C 101 13.87 2.38 17.98
CA GLU C 101 14.43 3.40 18.85
C GLU C 101 15.21 4.45 18.05
N ASP C 102 15.78 4.07 16.92
CA ASP C 102 16.51 5.02 16.08
C ASP C 102 15.59 5.90 15.23
N PHE C 103 14.31 5.58 15.11
CA PHE C 103 13.47 6.34 14.18
C PHE C 103 13.14 7.71 14.76
N VAL C 104 13.35 8.77 13.97
CA VAL C 104 12.85 10.10 14.30
C VAL C 104 12.10 10.67 13.10
N HIS C 105 11.12 11.50 13.40
CA HIS C 105 10.24 12.11 12.39
C HIS C 105 11.08 12.72 11.28
N PRO C 106 10.91 12.30 10.02
CA PRO C 106 11.80 12.75 8.95
C PRO C 106 11.49 14.14 8.41
N GLY C 107 10.44 14.81 8.88
CA GLY C 107 10.14 16.15 8.43
C GLY C 107 9.41 16.27 7.10
N HIS C 108 8.95 15.15 6.53
CA HIS C 108 8.15 15.14 5.30
C HIS C 108 7.34 13.84 5.29
N GLY C 109 6.52 13.65 4.24
CA GLY C 109 5.67 12.47 4.14
C GLY C 109 5.91 11.52 2.97
N ASP C 110 7.04 11.64 2.29
CA ASP C 110 7.29 10.85 1.08
C ASP C 110 7.92 9.51 1.44
N LEU C 111 7.15 8.42 1.29
CA LEU C 111 7.62 7.09 1.67
C LEU C 111 8.35 6.37 0.54
N SER C 112 8.74 7.08 -0.51
CA SER C 112 9.38 6.41 -1.64
C SER C 112 10.61 5.60 -1.21
N GLY C 113 11.32 6.04 -0.18
CA GLY C 113 12.51 5.33 0.27
C GLY C 113 12.21 3.97 0.86
N TRP C 114 11.02 3.76 1.41
CA TRP C 114 10.63 2.40 1.81
C TRP C 114 10.34 1.55 0.60
N ALA C 115 9.60 2.11 -0.36
CA ALA C 115 9.25 1.36 -1.55
C ALA C 115 10.50 0.91 -2.28
N LYS C 116 11.56 1.74 -2.29
CA LYS C 116 12.78 1.40 -3.01
C LYS C 116 13.52 0.22 -2.39
N GLN C 117 13.29 -0.02 -1.11
CA GLN C 117 13.85 -1.18 -0.41
C GLN C 117 13.04 -2.45 -0.59
N GLY C 118 11.91 -2.41 -1.30
CA GLY C 118 11.08 -3.57 -1.49
C GLY C 118 9.89 -3.63 -0.58
N VAL C 119 9.45 -2.50 -0.04
CA VAL C 119 8.18 -2.44 0.66
C VAL C 119 7.11 -2.02 -0.35
N LEU C 120 6.21 -2.96 -0.68
CA LEU C 120 5.08 -2.65 -1.56
C LEU C 120 4.07 -1.84 -0.76
N LEU C 121 3.76 -0.65 -1.23
CA LEU C 121 2.87 0.26 -0.51
C LEU C 121 1.56 0.32 -1.27
N LEU C 122 0.73 -0.70 -1.06
CA LEU C 122 -0.50 -0.94 -1.82
C LEU C 122 -1.74 -0.56 -1.00
N ASN C 123 -2.80 -0.11 -1.70
CA ASN C 123 -4.13 -0.02 -1.12
C ASN C 123 -5.04 -1.06 -1.77
N ALA C 124 -6.09 -1.49 -1.07
CA ALA C 124 -6.98 -2.49 -1.66
C ALA C 124 -7.75 -1.89 -2.83
N VAL C 125 -8.07 -0.59 -2.74
CA VAL C 125 -8.77 0.19 -3.74
C VAL C 125 -7.84 1.33 -4.15
N LEU C 126 -7.69 1.57 -5.45
CA LEU C 126 -6.61 2.43 -5.91
C LEU C 126 -7.02 3.81 -6.39
N THR C 127 -8.31 4.15 -6.38
CA THR C 127 -8.81 5.49 -6.65
C THR C 127 -9.89 5.85 -5.65
N VAL C 128 -10.22 7.14 -5.59
CA VAL C 128 -11.22 7.66 -4.66
C VAL C 128 -11.77 8.96 -5.24
N ARG C 129 -13.06 9.19 -5.05
CA ARG C 129 -13.66 10.48 -5.33
C ARG C 129 -13.29 11.47 -4.22
N ALA C 130 -12.93 12.71 -4.62
CA ALA C 130 -12.50 13.71 -3.67
C ALA C 130 -13.50 13.80 -2.51
N HIS C 131 -12.95 13.86 -1.30
CA HIS C 131 -13.64 14.10 -0.05
C HIS C 131 -14.47 12.92 0.44
N GLN C 132 -14.44 11.75 -0.20
CA GLN C 132 -15.32 10.64 0.19
C GLN C 132 -14.55 9.34 0.30
N ALA C 133 -14.11 9.04 1.52
CA ALA C 133 -13.36 7.83 1.78
C ALA C 133 -14.10 6.58 1.30
N ASN C 134 -13.34 5.75 0.57
CA ASN C 134 -13.73 4.43 0.11
C ASN C 134 -14.89 4.52 -0.88
N SER C 135 -15.03 5.68 -1.56
CA SER C 135 -16.14 5.86 -2.48
C SER C 135 -16.02 5.00 -3.73
N HIS C 136 -14.83 4.47 -4.02
CA HIS C 136 -14.66 3.60 -5.18
C HIS C 136 -14.52 2.13 -4.80
N LYS C 137 -15.00 1.73 -3.63
CA LYS C 137 -14.97 0.33 -3.26
C LYS C 137 -16.02 -0.46 -4.06
N GLU C 138 -15.73 -1.76 -4.22
CA GLU C 138 -16.63 -2.74 -4.84
C GLU C 138 -16.91 -2.45 -6.31
N ARG C 139 -15.95 -1.82 -7.01
CA ARG C 139 -16.08 -1.47 -8.42
C ARG C 139 -15.16 -2.29 -9.32
N GLY C 140 -14.26 -3.09 -8.73
CA GLY C 140 -13.34 -3.92 -9.49
C GLY C 140 -11.90 -3.83 -9.01
N TRP C 141 -11.56 -2.82 -8.20
CA TRP C 141 -10.18 -2.71 -7.76
C TRP C 141 -9.79 -3.92 -6.91
N GLU C 142 -10.72 -4.40 -6.08
CA GLU C 142 -10.38 -5.50 -5.18
C GLU C 142 -9.96 -6.74 -5.95
N GLN C 143 -10.59 -7.02 -7.10
CA GLN C 143 -10.15 -8.16 -7.89
C GLN C 143 -8.75 -7.94 -8.47
N PHE C 144 -8.42 -6.70 -8.82
CA PHE C 144 -7.09 -6.43 -9.34
C PHE C 144 -6.04 -6.55 -8.24
N THR C 145 -6.30 -5.95 -7.08
CA THR C 145 -5.30 -6.05 -6.02
C THR C 145 -5.25 -7.46 -5.41
N ASP C 146 -6.34 -8.24 -5.53
CA ASP C 146 -6.27 -9.67 -5.25
C ASP C 146 -5.27 -10.38 -6.17
N ALA C 147 -5.25 -10.00 -7.45
CA ALA C 147 -4.32 -10.64 -8.39
C ALA C 147 -2.89 -10.28 -8.06
N VAL C 148 -2.67 -9.06 -7.59
CA VAL C 148 -1.35 -8.66 -7.12
C VAL C 148 -0.93 -9.52 -5.93
N VAL C 149 -1.80 -9.62 -4.93
CA VAL C 149 -1.46 -10.40 -3.74
C VAL C 149 -1.27 -11.87 -4.12
N SER C 150 -2.15 -12.39 -4.97
CA SER C 150 -2.06 -13.78 -5.35
C SER C 150 -0.77 -14.09 -6.09
N TRP C 151 -0.32 -13.18 -6.97
CA TRP C 151 0.95 -13.42 -7.65
C TRP C 151 2.10 -13.48 -6.65
N LEU C 152 2.15 -12.51 -5.72
CA LEU C 152 3.23 -12.53 -4.74
C LEU C 152 3.11 -13.77 -3.85
N ASN C 153 1.89 -14.11 -3.43
CA ASN C 153 1.70 -15.29 -2.58
C ASN C 153 2.31 -16.53 -3.20
N GLN C 154 2.11 -16.71 -4.51
CA GLN C 154 2.47 -17.93 -5.20
C GLN C 154 3.91 -17.93 -5.68
N ASN C 155 4.48 -16.77 -6.00
CA ASN C 155 5.81 -16.72 -6.62
C ASN C 155 6.91 -16.30 -5.68
N SER C 156 6.60 -15.83 -4.48
CA SER C 156 7.60 -15.37 -3.52
C SER C 156 7.66 -16.32 -2.34
N ASN C 157 8.63 -16.08 -1.46
CA ASN C 157 8.73 -16.91 -0.27
C ASN C 157 9.13 -16.04 0.91
N GLY C 158 8.42 -16.19 2.02
CA GLY C 158 8.77 -15.49 3.24
C GLY C 158 8.42 -14.01 3.25
N LEU C 159 7.38 -13.60 2.51
CA LEU C 159 6.97 -12.21 2.56
C LEU C 159 6.34 -11.88 3.91
N VAL C 160 6.43 -10.61 4.30
CA VAL C 160 5.68 -10.07 5.44
C VAL C 160 4.58 -9.18 4.87
N PHE C 161 3.32 -9.53 5.17
CA PHE C 161 2.13 -8.76 4.79
C PHE C 161 1.58 -8.05 6.02
N LEU C 162 1.50 -6.73 5.96
CA LEU C 162 0.90 -5.89 7.00
C LEU C 162 -0.45 -5.42 6.50
N LEU C 163 -1.53 -5.91 7.12
CA LEU C 163 -2.90 -5.62 6.69
C LEU C 163 -3.51 -4.65 7.68
N TRP C 164 -3.66 -3.43 7.29
CA TRP C 164 -4.04 -2.34 8.18
C TRP C 164 -5.48 -1.94 7.85
N GLY C 165 -6.41 -2.30 8.74
CA GLY C 165 -7.80 -1.99 8.54
C GLY C 165 -8.60 -3.16 8.01
N SER C 166 -9.92 -3.03 8.14
CA SER C 166 -10.83 -4.12 7.83
C SER C 166 -10.81 -4.45 6.36
N TYR C 167 -10.71 -3.43 5.48
CA TYR C 167 -10.78 -3.69 4.05
C TYR C 167 -9.50 -4.34 3.54
N ALA C 168 -8.34 -3.91 4.02
CA ALA C 168 -7.10 -4.62 3.72
C ALA C 168 -7.12 -6.06 4.22
N GLN C 169 -7.70 -6.27 5.40
CA GLN C 169 -7.72 -7.61 5.97
C GLN C 169 -8.54 -8.59 5.16
N LYS C 170 -9.38 -8.12 4.23
CA LYS C 170 -10.09 -9.03 3.35
C LYS C 170 -9.14 -9.83 2.48
N LYS C 171 -7.91 -9.36 2.30
CA LYS C 171 -6.94 -10.10 1.51
C LYS C 171 -6.33 -11.28 2.27
N GLY C 172 -6.51 -11.36 3.59
CA GLY C 172 -5.85 -12.40 4.36
C GLY C 172 -6.18 -13.81 3.91
N SER C 173 -7.40 -14.04 3.44
CA SER C 173 -7.79 -15.42 3.09
C SER C 173 -7.01 -15.94 1.89
N ALA C 174 -6.45 -15.05 1.08
CA ALA C 174 -5.71 -15.40 -0.12
C ALA C 174 -4.23 -15.66 0.13
N ILE C 175 -3.76 -15.55 1.36
CA ILE C 175 -2.34 -15.65 1.65
C ILE C 175 -2.09 -16.94 2.43
N ASP C 176 -1.15 -17.73 1.95
CA ASP C 176 -0.74 -18.96 2.61
C ASP C 176 0.00 -18.63 3.91
N ARG C 177 -0.68 -18.79 5.06
CA ARG C 177 -0.17 -18.38 6.36
C ARG C 177 1.01 -19.20 6.85
N LYS C 178 1.30 -20.34 6.23
CA LYS C 178 2.43 -21.14 6.62
C LYS C 178 3.65 -20.85 5.77
N ARG C 179 3.49 -20.06 4.72
CA ARG C 179 4.57 -19.74 3.81
C ARG C 179 4.91 -18.25 3.81
N HIS C 180 3.99 -17.40 4.27
CA HIS C 180 4.22 -15.98 4.49
C HIS C 180 3.75 -15.59 5.88
N HIS C 181 4.18 -14.40 6.31
CA HIS C 181 3.82 -13.89 7.62
C HIS C 181 2.79 -12.79 7.45
N VAL C 182 1.64 -12.92 8.09
CA VAL C 182 0.58 -11.94 7.99
C VAL C 182 0.37 -11.31 9.36
N LEU C 183 0.61 -9.99 9.45
CA LEU C 183 0.34 -9.21 10.65
C LEU C 183 -0.86 -8.31 10.36
N GLN C 184 -1.82 -8.27 11.28
CA GLN C 184 -3.04 -7.49 11.06
C GLN C 184 -3.26 -6.58 12.24
N THR C 185 -3.69 -5.35 11.97
CA THR C 185 -4.07 -4.42 13.02
C THR C 185 -5.02 -3.39 12.43
N ALA C 186 -5.46 -2.47 13.28
CA ALA C 186 -6.44 -1.47 12.87
C ALA C 186 -5.77 -0.43 11.99
N HIS C 187 -6.60 0.28 11.23
CA HIS C 187 -6.10 1.32 10.35
C HIS C 187 -5.49 2.45 11.18
N PRO C 188 -4.44 3.12 10.68
CA PRO C 188 -3.80 4.20 11.46
C PRO C 188 -4.55 5.52 11.44
N SER C 189 -5.64 5.64 10.71
CA SER C 189 -6.46 6.83 10.79
C SER C 189 -6.77 7.16 12.25
N PRO C 190 -6.82 8.44 12.61
CA PRO C 190 -7.34 8.81 13.94
C PRO C 190 -8.67 8.15 14.29
N LEU C 191 -9.53 7.86 13.32
CA LEU C 191 -10.84 7.30 13.59
C LEU C 191 -10.76 5.85 14.05
N SER C 192 -9.58 5.23 14.00
CA SER C 192 -9.45 3.81 14.30
C SER C 192 -8.14 3.45 14.99
N VAL C 193 -7.17 4.38 15.07
CA VAL C 193 -5.83 4.01 15.51
C VAL C 193 -5.85 3.41 16.92
N TYR C 194 -6.83 3.80 17.75
CA TYR C 194 -6.91 3.37 19.13
C TYR C 194 -7.35 1.92 19.27
N ARG C 195 -7.73 1.26 18.17
CA ARG C 195 -8.16 -0.13 18.21
C ARG C 195 -7.03 -1.11 17.96
N GLY C 196 -5.78 -0.70 18.14
CA GLY C 196 -4.71 -1.65 18.08
C GLY C 196 -3.47 -1.21 17.34
N PHE C 197 -3.58 -0.17 16.52
CA PHE C 197 -2.42 0.22 15.73
C PHE C 197 -1.29 0.70 16.63
N PHE C 198 -1.60 1.60 17.55
CA PHE C 198 -0.61 1.99 18.55
C PHE C 198 -0.32 0.79 19.42
N GLY C 199 0.94 0.37 19.46
CA GLY C 199 1.33 -0.81 20.19
C GLY C 199 1.52 -2.05 19.33
N CYS C 200 1.19 -1.99 18.04
CA CYS C 200 1.24 -3.18 17.20
C CYS C 200 2.67 -3.62 16.91
N ARG C 201 3.64 -2.70 16.99
CA ARG C 201 5.05 -3.01 16.73
C ARG C 201 5.29 -3.77 15.42
N HIS C 202 4.52 -3.41 14.38
CA HIS C 202 4.67 -4.14 13.12
C HIS C 202 6.02 -3.92 12.46
N PHE C 203 6.67 -2.79 12.73
CA PHE C 203 7.90 -2.48 12.01
C PHE C 203 9.08 -3.27 12.54
N SER C 204 9.18 -3.39 13.87
CA SER C 204 10.21 -4.24 14.45
C SER C 204 9.91 -5.73 14.20
N LYS C 205 8.64 -6.14 14.30
CA LYS C 205 8.30 -7.52 14.02
C LYS C 205 8.62 -7.91 12.59
N THR C 206 8.38 -6.97 11.66
CA THR C 206 8.74 -7.22 10.27
C THR C 206 10.24 -7.51 10.15
N ASN C 207 11.07 -6.66 10.76
CA ASN C 207 12.50 -6.85 10.66
C ASN C 207 12.96 -8.13 11.35
N GLU C 208 12.35 -8.46 12.50
CA GLU C 208 12.63 -9.73 13.15
C GLU C 208 12.43 -10.89 12.18
N LEU C 209 11.25 -10.92 11.54
CA LEU C 209 10.91 -12.00 10.63
C LEU C 209 11.85 -12.04 9.43
N LEU C 210 12.15 -10.88 8.84
CA LEU C 210 13.10 -10.86 7.73
C LEU C 210 14.44 -11.43 8.16
N GLN C 211 15.02 -10.88 9.24
CA GLN C 211 16.25 -11.37 9.86
C GLN C 211 16.29 -12.89 9.95
N LYS C 212 15.29 -13.46 10.61
CA LYS C 212 15.23 -14.90 10.82
C LYS C 212 15.12 -15.67 9.51
N SER C 213 14.54 -15.06 8.49
CA SER C 213 14.49 -15.70 7.17
C SER C 213 15.78 -15.48 6.38
N GLY C 214 16.76 -14.79 6.96
CA GLY C 214 17.99 -14.58 6.24
C GLY C 214 17.90 -13.52 5.16
N LYS C 215 17.04 -12.54 5.35
CA LYS C 215 16.87 -11.41 4.44
C LYS C 215 17.35 -10.14 5.14
N LYS C 216 17.75 -9.16 4.35
CA LYS C 216 18.14 -7.89 4.92
C LYS C 216 16.90 -7.18 5.48
N PRO C 217 17.00 -6.53 6.63
CA PRO C 217 15.82 -5.87 7.20
C PRO C 217 15.55 -4.54 6.50
N ILE C 218 14.34 -4.02 6.73
CA ILE C 218 14.00 -2.70 6.20
C ILE C 218 14.64 -1.64 7.08
N ASP C 219 15.33 -0.69 6.47
CA ASP C 219 15.79 0.49 7.20
C ASP C 219 14.65 1.50 7.17
N TRP C 220 13.84 1.49 8.23
CA TRP C 220 12.66 2.35 8.25
C TRP C 220 13.03 3.82 8.27
N LYS C 221 14.28 4.15 8.64
CA LYS C 221 14.70 5.54 8.73
C LYS C 221 15.11 6.11 7.37
N GLU C 222 15.29 5.27 6.36
CA GLU C 222 15.74 5.67 5.02
C GLU C 222 14.52 6.00 4.17
N ALA C 223 14.09 7.27 4.26
CA ALA C 223 12.72 7.72 3.92
C ALA C 223 11.96 8.26 5.14
#